data_9LK8
#
_entry.id   9LK8
#
_cell.length_a   1.00
_cell.length_b   1.00
_cell.length_c   1.00
_cell.angle_alpha   90.00
_cell.angle_beta   90.00
_cell.angle_gamma   90.00
#
_symmetry.space_group_name_H-M   'P 1'
#
loop_
_entity.id
_entity.type
_entity.pdbx_description
1 polymer 'Sodium- and chloride-dependent GABA transporter 3'
2 non-polymer 'GAMMA-AMINO-BUTANOIC ACID'
3 non-polymer 'CHLORIDE ION'
#
_entity_poly.entity_id   1
_entity_poly.type   'polypeptide(L)'
_entity_poly.pdbx_seq_one_letter_code
;MTAEKALPLGNGKAAEEARESEAPGGGSSSGGAAPARHPRVKRDKAVHERGHWNNKVEFVLSVAGEIIGLGNVWRFPYLC
YKNGGGAFLIPYVVFFICCGIPVFFLETALGQFTSEGGITCWRKVCPLFEGIGYATQVIEAHLNVYYIIILAWAIFYLSN
CFTTELPWATCGHEWNTENCVEFQKLNVSNYSHVSLQNATSPVMEFWEHRVLAISDGIEHIGNLRWELALCLLAAWTICY
FCIWKGTKSTGKVVYVTATFPYIMLLILLIRGVTLPGASEGIKFYLYPDLSRLSDPQVWVDAGTQIFFSYAICLGCLTAL
GSYNNYNNNCYRDCIMLCCLNSGTSFVAGFAIFSVLGFMAYEQGVPIAEVAESGPGLAFIAYPKAVTMMPLSPLWATLFF
MMLIFLGLDSQFVCVESLVTAVVDMYPKVFRRGYRRELLILALSVISYFLGLVMLTEGGMYIFQLFDSYAASGMCLLFVA
IFECICIGWVYGSNRFYDNIEDMIGYRPPSLIKWCWMIMTPGICAGIFIFFLIKYKPLKYNNIYTYPAWGYGIGWLMALS
SMLCIPLWICITVWKTEGTLPEKLQKLTTPSTDLKMRGKLGVSPRMVTVNDSDAKLKSDGTIAAITEKETHF
;
_entity_poly.pdbx_strand_id   A
#
loop_
_chem_comp.id
_chem_comp.type
_chem_comp.name
_chem_comp.formula
ABU non-polymer 'GAMMA-AMINO-BUTANOIC ACID' 'C4 H9 N O2'
CL non-polymer 'CHLORIDE ION' 'Cl -1'
#
# COMPACT_ATOMS: atom_id res chain seq x y z
N LEU A 61 -23.43 1.56 13.32
CA LEU A 61 -22.66 0.70 14.26
C LEU A 61 -21.42 1.46 14.74
N SER A 62 -20.61 0.83 15.59
CA SER A 62 -19.37 1.47 16.10
C SER A 62 -18.15 0.81 15.43
N VAL A 63 -18.26 -0.47 15.12
CA VAL A 63 -17.14 -1.20 14.45
C VAL A 63 -17.40 -1.21 12.93
N ALA A 64 -16.66 -0.37 12.20
CA ALA A 64 -16.81 -0.32 10.72
C ALA A 64 -16.04 -1.50 10.11
N GLY A 65 -14.87 -1.83 10.66
CA GLY A 65 -14.05 -2.93 10.13
C GLY A 65 -13.27 -2.51 8.89
N GLU A 66 -13.52 -1.28 8.42
CA GLU A 66 -12.80 -0.76 7.22
C GLU A 66 -11.69 0.18 7.69
N ILE A 67 -10.99 -0.19 8.77
CA ILE A 67 -9.89 0.66 9.31
C ILE A 67 -8.65 -0.21 9.54
N ILE A 68 -8.39 -1.17 8.64
CA ILE A 68 -7.18 -2.03 8.77
C ILE A 68 -6.93 -2.76 7.45
N GLY A 69 -5.71 -3.28 7.26
CA GLY A 69 -5.35 -4.00 6.05
C GLY A 69 -3.86 -4.29 6.06
N LEU A 70 -3.40 -4.92 4.97
CA LEU A 70 -1.98 -5.22 4.86
C LEU A 70 -1.16 -3.94 4.68
N GLY A 71 -1.80 -2.85 4.28
CA GLY A 71 -1.09 -1.59 4.17
C GLY A 71 -0.76 -0.96 5.50
N ASN A 72 -1.37 -1.44 6.59
CA ASN A 72 -1.13 -0.91 7.92
C ASN A 72 -0.12 -1.69 8.74
N VAL A 73 -0.19 -3.02 8.71
CA VAL A 73 0.64 -3.87 9.57
C VAL A 73 1.84 -4.43 8.85
N TRP A 74 1.96 -4.23 7.54
CA TRP A 74 3.11 -4.76 6.82
C TRP A 74 3.95 -3.66 6.20
N ARG A 75 3.30 -2.70 5.54
CA ARG A 75 4.04 -1.71 4.77
C ARG A 75 4.64 -0.62 5.64
N PHE A 76 3.86 -0.11 6.60
CA PHE A 76 4.29 1.06 7.36
C PHE A 76 5.55 0.81 8.18
N PRO A 77 5.65 -0.26 8.97
CA PRO A 77 6.94 -0.54 9.65
C PRO A 77 8.08 -0.79 8.69
N TYR A 78 7.78 -1.34 7.51
CA TYR A 78 8.79 -1.52 6.48
C TYR A 78 9.36 -0.19 6.02
N LEU A 79 8.50 0.81 5.79
CA LEU A 79 8.98 2.09 5.29
C LEU A 79 9.71 2.88 6.37
N CYS A 80 9.21 2.84 7.60
CA CYS A 80 9.83 3.62 8.67
C CYS A 80 11.25 3.15 8.95
N TYR A 81 11.46 1.83 8.98
CA TYR A 81 12.80 1.30 9.21
C TYR A 81 13.74 1.63 8.06
N LYS A 82 13.25 1.52 6.82
CA LYS A 82 14.11 1.76 5.67
C LYS A 82 14.58 3.20 5.63
N ASN A 83 13.70 4.15 5.94
CA ASN A 83 14.04 5.57 5.81
C ASN A 83 14.88 6.07 6.97
N GLY A 84 15.04 5.28 8.02
CA GLY A 84 15.85 5.65 9.17
C GLY A 84 15.11 5.70 10.49
N GLY A 85 13.79 5.76 10.46
CA GLY A 85 13.02 5.78 11.69
C GLY A 85 13.07 7.13 12.37
N GLY A 86 11.92 7.52 12.92
CA GLY A 86 11.83 8.79 13.62
C GLY A 86 11.67 9.99 12.70
N ALA A 87 12.60 10.13 11.74
CA ALA A 87 12.52 11.20 10.76
C ALA A 87 11.41 11.00 9.75
N PHE A 88 10.79 9.82 9.75
CA PHE A 88 9.68 9.52 8.87
C PHE A 88 8.35 10.03 9.38
N LEU A 89 8.25 10.37 10.67
CA LEU A 89 6.96 10.76 11.24
C LEU A 89 6.61 12.20 10.89
N ILE A 90 7.60 13.08 10.76
CA ILE A 90 7.31 14.48 10.44
C ILE A 90 6.69 14.64 9.06
N PRO A 91 7.25 14.06 7.97
CA PRO A 91 6.53 14.13 6.70
C PRO A 91 5.20 13.39 6.72
N TYR A 92 5.06 12.38 7.58
CA TYR A 92 3.81 11.65 7.68
C TYR A 92 2.68 12.55 8.17
N VAL A 93 2.94 13.34 9.21
CA VAL A 93 1.88 14.14 9.83
C VAL A 93 1.46 15.28 8.89
N VAL A 94 2.42 15.88 8.20
CA VAL A 94 2.12 16.99 7.30
C VAL A 94 1.17 16.54 6.20
N PHE A 95 1.44 15.37 5.60
CA PHE A 95 0.56 14.86 4.57
C PHE A 95 -0.77 14.40 5.16
N PHE A 96 -0.77 14.00 6.43
CA PHE A 96 -1.96 13.41 7.02
C PHE A 96 -3.09 14.43 7.17
N ILE A 97 -2.77 15.65 7.55
CA ILE A 97 -3.82 16.63 7.85
C ILE A 97 -4.14 17.52 6.66
N CYS A 98 -3.19 17.77 5.76
CA CYS A 98 -3.41 18.72 4.69
C CYS A 98 -3.46 18.10 3.29
N CYS A 99 -3.05 16.85 3.13
CA CYS A 99 -3.25 16.14 1.86
C CYS A 99 -3.92 14.78 2.05
N GLY A 100 -4.22 14.38 3.28
CA GLY A 100 -4.83 13.09 3.51
C GLY A 100 -6.33 13.15 3.75
N ILE A 101 -6.75 14.17 4.49
CA ILE A 101 -8.17 14.36 4.81
C ILE A 101 -8.92 15.08 3.69
N PRO A 102 -8.48 16.26 3.21
CA PRO A 102 -9.27 16.95 2.18
C PRO A 102 -9.51 16.12 0.94
N VAL A 103 -8.51 15.37 0.48
CA VAL A 103 -8.67 14.59 -0.74
C VAL A 103 -9.62 13.43 -0.51
N PHE A 104 -9.53 12.78 0.66
CA PHE A 104 -10.46 11.69 0.97
C PHE A 104 -11.90 12.21 1.03
N PHE A 105 -12.09 13.36 1.65
CA PHE A 105 -13.43 13.97 1.70
C PHE A 105 -13.93 14.29 0.30
N LEU A 106 -13.05 14.81 -0.55
CA LEU A 106 -13.43 15.11 -1.93
C LEU A 106 -13.85 13.84 -2.67
N GLU A 107 -13.07 12.76 -2.55
CA GLU A 107 -13.46 11.51 -3.21
C GLU A 107 -14.81 11.03 -2.72
N THR A 108 -15.02 10.99 -1.42
CA THR A 108 -16.28 10.47 -0.89
C THR A 108 -17.46 11.32 -1.32
N ALA A 109 -17.32 12.65 -1.21
CA ALA A 109 -18.42 13.55 -1.57
C ALA A 109 -18.73 13.46 -3.05
N LEU A 110 -17.70 13.45 -3.89
CA LEU A 110 -17.93 13.35 -5.33
C LEU A 110 -18.56 12.03 -5.70
N GLY A 111 -18.14 10.94 -5.07
CA GLY A 111 -18.72 9.64 -5.37
C GLY A 111 -20.18 9.55 -4.98
N GLN A 112 -20.52 10.03 -3.78
CA GLN A 112 -21.89 9.94 -3.32
C GLN A 112 -22.81 10.95 -4.00
N PHE A 113 -22.29 12.11 -4.40
CA PHE A 113 -23.12 13.13 -5.01
C PHE A 113 -23.70 12.65 -6.35
N THR A 114 -22.85 12.06 -7.18
CA THR A 114 -23.32 11.53 -8.46
C THR A 114 -23.93 10.14 -8.36
N SER A 115 -23.69 9.43 -7.26
CA SER A 115 -24.18 8.07 -7.06
C SER A 115 -23.83 7.18 -8.26
N GLU A 116 -22.55 7.22 -8.64
CA GLU A 116 -22.13 6.69 -9.92
C GLU A 116 -20.64 6.38 -9.89
N GLY A 117 -20.25 5.34 -10.64
CA GLY A 117 -18.89 4.84 -10.60
C GLY A 117 -17.92 5.86 -11.17
N GLY A 118 -16.63 5.65 -10.85
CA GLY A 118 -15.63 6.68 -11.10
C GLY A 118 -15.44 7.00 -12.57
N ILE A 119 -15.55 6.00 -13.44
CA ILE A 119 -15.24 6.20 -14.86
C ILE A 119 -16.16 7.23 -15.47
N THR A 120 -17.46 7.13 -15.18
CA THR A 120 -18.44 8.04 -15.75
C THR A 120 -18.72 9.23 -14.83
N CYS A 121 -18.38 9.11 -13.54
CA CYS A 121 -18.53 10.24 -12.63
C CYS A 121 -17.74 11.44 -13.10
N TRP A 122 -16.51 11.20 -13.58
CA TRP A 122 -15.73 12.30 -14.14
C TRP A 122 -16.39 12.88 -15.39
N ARG A 123 -17.05 12.03 -16.18
CA ARG A 123 -17.81 12.54 -17.32
C ARG A 123 -18.93 13.46 -16.86
N LYS A 124 -19.49 13.19 -15.68
CA LYS A 124 -20.58 14.02 -15.19
C LYS A 124 -20.12 15.45 -14.92
N VAL A 125 -18.94 15.61 -14.32
CA VAL A 125 -18.51 16.91 -13.82
C VAL A 125 -17.36 17.47 -14.65
N CYS A 126 -16.45 16.64 -15.11
CA CYS A 126 -15.18 17.09 -15.70
C CYS A 126 -15.00 16.38 -17.03
N PRO A 127 -15.77 16.76 -18.05
CA PRO A 127 -15.72 16.01 -19.32
C PRO A 127 -14.35 15.97 -19.96
N LEU A 128 -13.57 17.03 -19.80
CA LEU A 128 -12.22 17.04 -20.39
C LEU A 128 -11.31 16.05 -19.69
N PHE A 129 -11.43 15.93 -18.37
CA PHE A 129 -10.54 15.09 -17.58
C PHE A 129 -11.15 13.71 -17.33
N GLU A 130 -11.28 12.93 -18.40
CA GLU A 130 -11.56 11.50 -18.26
C GLU A 130 -10.33 10.67 -17.94
N GLY A 131 -9.13 11.19 -18.18
CA GLY A 131 -7.93 10.42 -17.92
C GLY A 131 -7.79 10.01 -16.47
N ILE A 132 -8.42 10.73 -15.56
CA ILE A 132 -8.44 10.32 -14.16
C ILE A 132 -9.19 9.00 -13.99
N GLY A 133 -10.31 8.85 -14.71
CA GLY A 133 -11.06 7.60 -14.63
C GLY A 133 -10.28 6.41 -15.13
N TYR A 134 -9.53 6.61 -16.22
CA TYR A 134 -8.74 5.51 -16.77
C TYR A 134 -7.45 5.27 -15.98
N ALA A 135 -6.89 6.34 -15.39
CA ALA A 135 -5.63 6.20 -14.68
C ALA A 135 -5.79 5.32 -13.45
N THR A 136 -6.91 5.44 -12.73
CA THR A 136 -7.10 4.67 -11.51
C THR A 136 -7.19 3.17 -11.81
N GLN A 137 -7.79 2.81 -12.94
CA GLN A 137 -7.90 1.39 -13.29
C GLN A 137 -6.55 0.76 -13.56
N VAL A 138 -5.66 1.48 -14.25
CA VAL A 138 -4.33 0.95 -14.53
C VAL A 138 -3.56 0.73 -13.23
N ILE A 139 -3.66 1.68 -12.31
CA ILE A 139 -3.03 1.52 -10.99
C ILE A 139 -3.62 0.32 -10.27
N GLU A 140 -4.93 0.16 -10.31
CA GLU A 140 -5.57 -0.97 -9.66
C GLU A 140 -5.16 -2.28 -10.32
N ALA A 141 -5.06 -2.28 -11.65
CA ALA A 141 -4.62 -3.49 -12.36
C ALA A 141 -3.21 -3.89 -11.96
N HIS A 142 -2.32 -2.90 -11.83
CA HIS A 142 -0.98 -3.18 -11.32
C HIS A 142 -1.02 -3.67 -9.89
N LEU A 143 -1.90 -3.10 -9.08
CA LEU A 143 -1.95 -3.45 -7.66
C LEU A 143 -2.38 -4.90 -7.46
N ASN A 144 -3.38 -5.36 -8.22
CA ASN A 144 -3.84 -6.74 -8.05
C ASN A 144 -2.75 -7.75 -8.36
N VAL A 145 -1.77 -7.38 -9.19
CA VAL A 145 -0.74 -8.34 -9.60
C VAL A 145 0.20 -8.65 -8.44
N TYR A 146 0.63 -7.63 -7.69
CA TYR A 146 1.67 -7.80 -6.67
C TYR A 146 1.12 -7.74 -5.25
N TYR A 147 -0.16 -7.46 -5.07
CA TYR A 147 -0.75 -7.46 -3.74
C TYR A 147 -1.09 -8.85 -3.24
N ILE A 148 -1.07 -9.85 -4.13
CA ILE A 148 -1.35 -11.22 -3.72
C ILE A 148 -0.07 -12.00 -3.43
N ILE A 149 1.09 -11.47 -3.83
CA ILE A 149 2.35 -12.15 -3.54
C ILE A 149 2.57 -12.23 -2.03
N ILE A 150 2.11 -11.22 -1.28
CA ILE A 150 2.26 -11.25 0.17
C ILE A 150 1.51 -12.43 0.75
N LEU A 151 0.34 -12.77 0.19
CA LEU A 151 -0.38 -13.94 0.65
C LEU A 151 0.29 -15.23 0.19
N ALA A 152 1.18 -15.16 -0.80
CA ALA A 152 1.96 -16.34 -1.17
C ALA A 152 2.93 -16.72 -0.08
N TRP A 153 3.59 -15.72 0.53
CA TRP A 153 4.55 -16.00 1.59
C TRP A 153 3.85 -16.35 2.91
N ALA A 154 2.70 -15.73 3.18
CA ALA A 154 1.99 -16.01 4.42
C ALA A 154 1.55 -17.47 4.49
N ILE A 155 1.04 -18.01 3.37
CA ILE A 155 0.60 -19.40 3.36
C ILE A 155 1.79 -20.33 3.55
N PHE A 156 2.92 -20.02 2.90
CA PHE A 156 4.11 -20.85 3.06
C PHE A 156 4.58 -20.85 4.50
N TYR A 157 4.55 -19.69 5.16
CA TYR A 157 4.89 -19.63 6.57
C TYR A 157 3.92 -20.44 7.42
N LEU A 158 2.63 -20.38 7.09
CA LEU A 158 1.63 -21.10 7.89
C LEU A 158 1.84 -22.62 7.81
N SER A 159 2.14 -23.13 6.61
CA SER A 159 2.26 -24.57 6.44
C SER A 159 3.38 -25.16 7.28
N ASN A 160 4.44 -24.38 7.51
CA ASN A 160 5.59 -24.86 8.27
C ASN A 160 5.38 -24.82 9.77
N CYS A 161 4.29 -24.20 10.25
CA CYS A 161 4.06 -24.02 11.67
C CYS A 161 3.23 -25.13 12.30
N PHE A 162 2.77 -26.10 11.51
CA PHE A 162 1.95 -27.19 12.04
C PHE A 162 2.84 -28.33 12.52
N THR A 163 3.64 -28.01 13.53
CA THR A 163 4.56 -28.98 14.14
C THR A 163 4.97 -28.46 15.50
N THR A 164 5.65 -29.33 16.27
CA THR A 164 5.96 -29.01 17.66
C THR A 164 6.92 -27.83 17.77
N GLU A 165 8.01 -27.85 17.02
CA GLU A 165 9.04 -26.81 17.11
C GLU A 165 9.07 -26.03 15.81
N LEU A 166 9.12 -24.70 15.93
CA LEU A 166 9.14 -23.86 14.75
C LEU A 166 10.50 -23.98 14.05
N PRO A 167 10.52 -24.16 12.73
CA PRO A 167 11.81 -24.31 12.03
C PRO A 167 12.71 -23.09 12.11
N TRP A 168 12.15 -21.89 12.27
CA TRP A 168 12.96 -20.68 12.28
C TRP A 168 13.52 -20.35 13.65
N ALA A 169 13.05 -21.02 14.71
CA ALA A 169 13.52 -20.70 16.05
C ALA A 169 14.95 -21.16 16.26
N THR A 170 15.27 -22.37 15.83
CA THR A 170 16.57 -22.98 16.06
C THR A 170 17.30 -23.20 14.74
N CYS A 171 18.62 -23.10 14.79
CA CYS A 171 19.47 -23.29 13.62
C CYS A 171 20.04 -24.69 13.62
N GLY A 172 20.78 -25.02 12.56
CA GLY A 172 21.36 -26.34 12.39
C GLY A 172 20.75 -27.19 11.29
N HIS A 173 19.97 -26.59 10.38
CA HIS A 173 19.31 -27.31 9.31
C HIS A 173 20.09 -27.17 8.02
N GLU A 174 19.48 -27.61 6.91
CA GLU A 174 20.16 -27.60 5.62
C GLU A 174 20.41 -26.18 5.12
N TRP A 175 19.41 -25.31 5.24
CA TRP A 175 19.54 -23.95 4.71
C TRP A 175 20.45 -23.10 5.57
N ASN A 176 20.51 -23.37 6.88
CA ASN A 176 21.35 -22.58 7.76
C ASN A 176 22.83 -22.78 7.44
N THR A 177 23.59 -21.70 7.47
CA THR A 177 25.02 -21.76 7.21
C THR A 177 25.78 -21.99 8.51
N GLU A 178 27.11 -21.94 8.42
CA GLU A 178 27.95 -22.19 9.58
C GLU A 178 27.94 -21.01 10.55
N ASN A 179 27.41 -19.86 10.13
CA ASN A 179 27.39 -18.66 10.96
C ASN A 179 26.18 -18.60 11.88
N CYS A 180 25.32 -19.61 11.88
CA CYS A 180 24.17 -19.61 12.77
C CYS A 180 24.61 -19.57 14.23
N VAL A 181 23.98 -18.71 15.01
CA VAL A 181 24.18 -18.62 16.45
C VAL A 181 22.82 -18.47 17.12
N GLU A 182 22.59 -19.23 18.18
CA GLU A 182 21.28 -19.22 18.83
C GLU A 182 20.96 -17.87 19.44
N PHE A 183 21.96 -17.21 20.04
CA PHE A 183 21.80 -15.92 20.71
C PHE A 183 20.86 -16.01 21.90
N GLN A 184 20.40 -17.23 22.22
CA GLN A 184 19.52 -17.46 23.35
C GLN A 184 20.09 -18.45 24.34
N LYS A 185 21.05 -19.28 23.93
CA LYS A 185 21.71 -20.26 24.81
C LYS A 185 20.69 -21.18 25.46
N LEU A 196 31.81 -12.35 18.21
CA LEU A 196 30.52 -12.60 17.57
C LEU A 196 30.48 -11.97 16.17
N GLN A 197 31.64 -11.84 15.55
CA GLN A 197 31.72 -11.32 14.20
C GLN A 197 31.14 -12.31 13.20
N ASN A 198 30.52 -11.77 12.15
CA ASN A 198 29.90 -12.57 11.10
C ASN A 198 28.90 -13.57 11.67
N ALA A 199 28.03 -13.07 12.55
CA ALA A 199 27.01 -13.87 13.19
C ALA A 199 25.64 -13.48 12.66
N THR A 200 24.79 -14.47 12.43
CA THR A 200 23.47 -14.25 11.86
C THR A 200 22.42 -14.94 12.72
N SER A 201 21.26 -14.30 12.87
CA SER A 201 20.16 -14.91 13.59
C SER A 201 19.49 -15.97 12.72
N PRO A 202 18.97 -17.04 13.34
CA PRO A 202 18.31 -18.09 12.55
C PRO A 202 17.10 -17.59 11.78
N VAL A 203 16.39 -16.58 12.29
CA VAL A 203 15.17 -16.10 11.63
C VAL A 203 15.50 -15.50 10.27
N MET A 204 16.55 -14.67 10.21
CA MET A 204 16.92 -14.05 8.95
C MET A 204 17.36 -15.10 7.94
N GLU A 205 18.08 -16.12 8.39
CA GLU A 205 18.49 -17.19 7.48
C GLU A 205 17.28 -17.94 6.94
N PHE A 206 16.29 -18.21 7.79
CA PHE A 206 15.07 -18.85 7.32
C PHE A 206 14.37 -18.00 6.27
N TRP A 207 14.28 -16.69 6.52
CA TRP A 207 13.61 -15.82 5.56
C TRP A 207 14.35 -15.80 4.23
N GLU A 208 15.67 -15.71 4.26
CA GLU A 208 16.42 -15.43 3.05
C GLU A 208 16.78 -16.69 2.27
N HIS A 209 17.29 -17.72 2.93
CA HIS A 209 17.85 -18.85 2.20
C HIS A 209 16.78 -19.77 1.63
N ARG A 210 15.69 -20.02 2.36
CA ARG A 210 14.72 -20.98 1.81
C ARG A 210 13.43 -20.31 1.34
N VAL A 211 12.85 -19.40 2.12
CA VAL A 211 11.60 -18.77 1.70
C VAL A 211 11.83 -17.94 0.44
N LEU A 212 12.92 -17.20 0.39
CA LEU A 212 13.25 -16.41 -0.79
C LEU A 212 14.32 -17.02 -1.67
N ALA A 213 15.36 -17.62 -1.08
CA ALA A 213 16.52 -18.10 -1.83
C ALA A 213 17.09 -17.00 -2.71
N ILE A 214 17.52 -15.92 -2.07
CA ILE A 214 17.89 -14.70 -2.78
C ILE A 214 19.06 -14.99 -3.70
N SER A 215 19.12 -14.27 -4.82
CA SER A 215 20.15 -14.45 -5.82
C SER A 215 21.11 -13.27 -5.80
N ASP A 216 22.10 -13.29 -6.70
CA ASP A 216 23.08 -12.21 -6.73
C ASP A 216 22.44 -10.90 -7.16
N GLY A 217 21.55 -10.94 -8.16
CA GLY A 217 20.93 -9.73 -8.66
C GLY A 217 19.79 -10.04 -9.60
N ILE A 218 19.17 -8.95 -10.10
CA ILE A 218 18.06 -9.08 -11.02
C ILE A 218 18.48 -9.75 -12.32
N GLU A 219 19.76 -9.68 -12.65
CA GLU A 219 20.22 -10.27 -13.90
C GLU A 219 20.24 -11.79 -13.83
N HIS A 220 20.16 -12.36 -12.62
CA HIS A 220 19.93 -13.81 -12.44
C HIS A 220 18.49 -14.01 -11.99
N ILE A 221 17.60 -14.29 -12.95
CA ILE A 221 16.25 -14.72 -12.60
C ILE A 221 16.28 -16.10 -11.96
N GLY A 222 17.06 -17.01 -12.52
CA GLY A 222 17.21 -18.34 -11.97
C GLY A 222 15.96 -19.18 -12.17
N ASN A 223 15.95 -20.33 -11.50
CA ASN A 223 14.83 -21.25 -11.62
C ASN A 223 13.63 -20.76 -10.83
N LEU A 224 12.55 -21.52 -10.91
CA LEU A 224 11.28 -21.14 -10.28
C LEU A 224 11.06 -21.95 -9.01
N ARG A 225 10.76 -21.27 -7.91
CA ARG A 225 10.47 -21.92 -6.64
C ARG A 225 9.13 -22.63 -6.73
N TRP A 226 9.16 -23.96 -6.83
CA TRP A 226 7.92 -24.72 -7.02
C TRP A 226 7.00 -24.64 -5.82
N GLU A 227 7.57 -24.67 -4.61
CA GLU A 227 6.74 -24.64 -3.40
C GLU A 227 5.95 -23.35 -3.30
N LEU A 228 6.58 -22.22 -3.62
CA LEU A 228 5.88 -20.94 -3.58
C LEU A 228 4.86 -20.85 -4.70
N ALA A 229 5.11 -21.53 -5.83
CA ALA A 229 4.19 -21.44 -6.99
C ALA A 229 2.78 -21.91 -6.59
N LEU A 230 2.67 -23.09 -5.98
CA LEU A 230 1.33 -23.65 -5.64
C LEU A 230 0.68 -22.82 -4.53
N CYS A 231 1.48 -22.25 -3.62
CA CYS A 231 0.92 -21.39 -2.56
C CYS A 231 0.13 -20.24 -3.20
N LEU A 232 0.72 -19.57 -4.20
CA LEU A 232 0.01 -18.48 -4.91
C LEU A 232 -1.27 -19.04 -5.55
N LEU A 233 -1.18 -20.20 -6.19
CA LEU A 233 -2.36 -20.83 -6.80
C LEU A 233 -3.48 -20.92 -5.76
N ALA A 234 -3.19 -21.50 -4.60
CA ALA A 234 -4.19 -21.60 -3.51
C ALA A 234 -4.81 -20.22 -3.26
N ALA A 235 -3.98 -19.21 -3.00
CA ALA A 235 -4.49 -17.84 -2.75
C ALA A 235 -5.55 -17.48 -3.79
N TRP A 236 -5.20 -17.50 -5.07
CA TRP A 236 -6.16 -17.16 -6.15
C TRP A 236 -7.41 -18.02 -6.03
N THR A 237 -7.24 -19.36 -6.10
CA THR A 237 -8.39 -20.29 -6.01
C THR A 237 -9.33 -19.84 -4.91
N ILE A 238 -8.84 -19.71 -3.68
CA ILE A 238 -9.69 -19.32 -2.52
C ILE A 238 -10.51 -18.08 -2.89
N CYS A 239 -9.88 -17.08 -3.52
CA CYS A 239 -10.60 -15.81 -3.80
C CYS A 239 -11.39 -15.88 -5.11
N TYR A 240 -11.37 -17.03 -5.79
CA TYR A 240 -12.24 -17.16 -6.99
C TYR A 240 -13.68 -17.31 -6.50
N PHE A 241 -13.83 -17.75 -5.25
CA PHE A 241 -15.19 -17.88 -4.65
C PHE A 241 -15.35 -16.79 -3.57
N CYS A 242 -14.25 -16.12 -3.22
CA CYS A 242 -14.27 -15.05 -2.19
C CYS A 242 -15.70 -14.50 -2.06
N VAL A 253 -20.26 -9.72 7.49
CA VAL A 253 -19.14 -10.24 8.27
C VAL A 253 -19.54 -10.37 9.74
N VAL A 254 -19.04 -11.43 10.39
CA VAL A 254 -19.33 -11.64 11.80
C VAL A 254 -18.51 -10.66 12.63
N TYR A 255 -19.02 -10.35 13.83
CA TYR A 255 -18.30 -9.43 14.71
C TYR A 255 -16.94 -10.00 15.11
N VAL A 256 -16.90 -11.31 15.39
CA VAL A 256 -15.64 -11.92 15.82
C VAL A 256 -14.60 -11.83 14.72
N THR A 257 -15.02 -11.94 13.46
CA THR A 257 -14.10 -11.78 12.34
C THR A 257 -13.56 -10.36 12.26
N ALA A 258 -14.41 -9.37 12.54
CA ALA A 258 -13.99 -7.97 12.39
C ALA A 258 -13.03 -7.55 13.49
N THR A 259 -13.28 -7.98 14.73
CA THR A 259 -12.42 -7.59 15.84
C THR A 259 -11.27 -8.55 16.07
N PHE A 260 -11.14 -9.58 15.26
CA PHE A 260 -10.02 -10.51 15.38
C PHE A 260 -8.66 -9.84 15.21
N PRO A 261 -8.42 -9.00 14.18
CA PRO A 261 -7.09 -8.38 14.05
C PRO A 261 -6.68 -7.50 15.24
N TYR A 262 -7.63 -6.78 15.83
CA TYR A 262 -7.27 -5.83 16.89
C TYR A 262 -6.84 -6.56 18.16
N ILE A 263 -7.55 -7.63 18.52
CA ILE A 263 -7.17 -8.41 19.71
C ILE A 263 -5.78 -8.98 19.53
N MET A 264 -5.49 -9.54 18.36
CA MET A 264 -4.18 -10.13 18.12
C MET A 264 -3.09 -9.07 18.12
N LEU A 265 -3.37 -7.91 17.54
CA LEU A 265 -2.40 -6.84 17.54
C LEU A 265 -2.10 -6.38 18.96
N LEU A 266 -3.13 -6.30 19.80
CA LEU A 266 -2.92 -5.96 21.21
C LEU A 266 -2.07 -7.01 21.91
N ILE A 267 -2.34 -8.30 21.65
CA ILE A 267 -1.58 -9.36 22.29
C ILE A 267 -0.11 -9.27 21.90
N LEU A 268 0.17 -9.04 20.61
CA LEU A 268 1.55 -8.88 20.17
C LEU A 268 2.18 -7.63 20.78
N LEU A 269 1.39 -6.56 20.94
CA LEU A 269 1.92 -5.33 21.50
C LEU A 269 2.34 -5.51 22.96
N ILE A 270 1.55 -6.28 23.73
CA ILE A 270 1.88 -6.48 25.13
C ILE A 270 3.20 -7.22 25.27
N ARG A 271 3.42 -8.24 24.46
CA ARG A 271 4.64 -9.05 24.57
C ARG A 271 5.88 -8.22 24.23
N GLY A 272 5.79 -7.36 23.21
CA GLY A 272 6.96 -6.61 22.79
C GLY A 272 7.43 -5.62 23.84
N VAL A 273 6.48 -4.94 24.50
CA VAL A 273 6.83 -3.88 25.43
C VAL A 273 7.59 -4.44 26.63
N THR A 274 7.09 -5.55 27.20
CA THR A 274 7.69 -6.09 28.41
C THR A 274 9.06 -6.69 28.14
N LEU A 275 9.40 -6.89 26.87
CA LEU A 275 10.67 -7.50 26.52
C LEU A 275 11.81 -6.59 26.95
N PRO A 276 12.90 -7.13 27.49
CA PRO A 276 14.03 -6.28 27.87
C PRO A 276 14.69 -5.65 26.67
N GLY A 277 15.20 -4.43 26.85
CA GLY A 277 15.84 -3.70 25.78
C GLY A 277 14.89 -2.98 24.83
N ALA A 278 13.59 -2.97 25.13
CA ALA A 278 12.63 -2.34 24.22
C ALA A 278 12.70 -0.83 24.28
N SER A 279 13.35 -0.26 25.30
CA SER A 279 13.42 1.19 25.41
C SER A 279 14.20 1.79 24.24
N GLU A 280 15.26 1.12 23.81
CA GLU A 280 16.05 1.63 22.68
C GLU A 280 15.22 1.66 21.40
N GLY A 281 14.41 0.63 21.17
CA GLY A 281 13.57 0.60 19.98
C GLY A 281 12.56 1.73 19.96
N ILE A 282 11.98 2.05 21.11
CA ILE A 282 11.03 3.16 21.19
C ILE A 282 11.73 4.49 21.01
N LYS A 283 12.90 4.67 21.61
CA LYS A 283 13.66 5.90 21.43
C LYS A 283 14.09 6.06 19.97
N PHE A 284 14.49 4.96 19.35
CA PHE A 284 14.80 4.98 17.92
C PHE A 284 13.57 5.34 17.09
N TYR A 285 12.39 4.93 17.56
CA TYR A 285 11.16 5.14 16.80
C TYR A 285 10.70 6.59 16.86
N LEU A 286 10.78 7.22 18.04
CA LEU A 286 10.15 8.53 18.26
C LEU A 286 11.12 9.68 17.97
N TYR A 287 12.30 9.65 18.57
CA TYR A 287 13.23 10.75 18.43
C TYR A 287 13.71 10.87 16.98
N PRO A 288 13.50 12.00 16.32
CA PRO A 288 13.83 12.11 14.89
C PRO A 288 15.23 12.62 14.66
N ASP A 289 15.75 12.39 13.45
CA ASP A 289 17.07 12.87 13.03
C ASP A 289 16.85 13.88 11.91
N LEU A 290 16.93 15.17 12.25
CA LEU A 290 16.58 16.22 11.30
C LEU A 290 17.55 16.30 10.13
N SER A 291 18.73 15.69 10.24
CA SER A 291 19.70 15.76 9.17
C SER A 291 19.19 15.08 7.91
N ARG A 292 18.46 13.97 8.06
CA ARG A 292 17.99 13.19 6.93
C ARG A 292 16.74 13.74 6.28
N LEU A 293 16.12 14.78 6.86
CA LEU A 293 14.89 15.31 6.29
C LEU A 293 15.12 15.91 4.91
N SER A 294 16.35 16.32 4.60
CA SER A 294 16.62 16.94 3.31
C SER A 294 16.59 15.92 2.19
N ASP A 295 16.64 14.64 2.52
CA ASP A 295 16.64 13.61 1.50
C ASP A 295 15.27 13.53 0.83
N PRO A 296 15.19 13.57 -0.49
CA PRO A 296 13.87 13.59 -1.15
C PRO A 296 13.04 12.34 -0.93
N GLN A 297 13.68 11.20 -0.66
CA GLN A 297 12.92 9.94 -0.55
C GLN A 297 11.92 9.99 0.61
N VAL A 298 12.31 10.59 1.74
CA VAL A 298 11.47 10.57 2.93
C VAL A 298 10.12 11.23 2.64
N TRP A 299 10.13 12.34 1.91
CA TRP A 299 8.88 13.01 1.56
C TRP A 299 8.06 12.20 0.57
N VAL A 300 8.73 11.54 -0.39
CA VAL A 300 8.00 10.84 -1.44
C VAL A 300 7.22 9.65 -0.89
N ASP A 301 7.85 8.85 -0.03
CA ASP A 301 7.26 7.61 0.43
C ASP A 301 6.52 7.75 1.76
N ALA A 302 6.30 8.97 2.24
CA ALA A 302 5.39 9.21 3.35
C ALA A 302 4.00 9.60 2.88
N GLY A 303 3.91 10.59 2.00
CA GLY A 303 2.61 10.92 1.41
C GLY A 303 2.06 9.79 0.57
N THR A 304 2.95 9.08 -0.14
CA THR A 304 2.49 7.91 -0.89
C THR A 304 2.03 6.82 0.05
N GLN A 305 2.63 6.70 1.22
CA GLN A 305 2.11 5.77 2.23
C GLN A 305 0.72 6.18 2.68
N ILE A 306 0.49 7.48 2.86
CA ILE A 306 -0.84 7.95 3.25
C ILE A 306 -1.86 7.62 2.16
N PHE A 307 -1.50 7.85 0.90
CA PHE A 307 -2.42 7.58 -0.20
C PHE A 307 -2.68 6.09 -0.36
N PHE A 308 -1.64 5.27 -0.22
CA PHE A 308 -1.80 3.83 -0.38
C PHE A 308 -2.71 3.24 0.69
N SER A 309 -2.51 3.65 1.95
CA SER A 309 -3.30 3.09 3.04
C SER A 309 -4.76 3.49 2.97
N TYR A 310 -5.05 4.70 2.49
CA TYR A 310 -6.41 5.20 2.42
C TYR A 310 -7.16 4.74 1.18
N ALA A 311 -6.46 4.19 0.19
CA ALA A 311 -7.04 3.85 -1.11
C ALA A 311 -7.72 5.07 -1.73
N ILE A 312 -6.89 6.08 -2.02
CA ILE A 312 -7.42 7.36 -2.51
C ILE A 312 -7.46 7.39 -4.03
N CYS A 313 -6.35 7.06 -4.69
CA CYS A 313 -6.27 7.08 -6.15
C CYS A 313 -6.34 5.68 -6.74
N LEU A 314 -7.15 4.81 -6.13
CA LEU A 314 -7.33 3.44 -6.61
C LEU A 314 -8.81 3.07 -6.74
N GLY A 315 -9.71 4.03 -6.65
CA GLY A 315 -11.13 3.74 -6.70
C GLY A 315 -11.76 3.76 -5.32
N CYS A 316 -12.34 4.91 -4.96
CA CYS A 316 -12.91 5.13 -3.65
C CYS A 316 -14.30 5.74 -3.71
N LEU A 317 -14.75 6.13 -4.90
CA LEU A 317 -16.08 6.69 -5.07
C LEU A 317 -17.13 5.62 -4.79
N THR A 318 -17.98 5.86 -3.80
CA THR A 318 -19.02 4.92 -3.40
C THR A 318 -20.38 5.51 -3.76
N ALA A 319 -21.08 4.86 -4.67
CA ALA A 319 -22.43 5.30 -5.03
C ALA A 319 -23.40 5.12 -3.88
N LEU A 320 -23.29 4.01 -3.14
CA LEU A 320 -24.18 3.75 -2.03
C LEU A 320 -23.93 4.72 -0.88
N GLY A 321 -24.97 4.98 -0.11
CA GLY A 321 -24.87 5.90 1.00
C GLY A 321 -26.05 6.85 1.11
N SER A 322 -27.01 6.72 0.20
CA SER A 322 -28.22 7.53 0.20
C SER A 322 -27.91 9.02 0.07
N TYR A 323 -28.75 9.86 0.66
CA TYR A 323 -28.59 11.31 0.61
C TYR A 323 -27.25 11.76 1.18
N ASN A 328 -26.02 12.93 4.69
CA ASN A 328 -25.35 11.96 5.54
C ASN A 328 -24.36 12.64 6.47
N ASN A 329 -23.37 11.88 6.94
CA ASN A 329 -22.31 12.38 7.80
C ASN A 329 -20.96 12.26 7.11
N CYS A 330 -20.91 12.65 5.83
CA CYS A 330 -19.68 12.52 5.06
C CYS A 330 -18.53 13.27 5.72
N TYR A 331 -18.78 14.49 6.17
CA TYR A 331 -17.75 15.26 6.87
C TYR A 331 -17.42 14.63 8.21
N ARG A 332 -18.43 14.13 8.91
CA ARG A 332 -18.19 13.54 10.23
C ARG A 332 -17.41 12.24 10.11
N ASP A 333 -17.36 11.67 8.91
CA ASP A 333 -16.72 10.36 8.73
C ASP A 333 -15.21 10.45 8.95
N CYS A 334 -14.54 11.40 8.29
CA CYS A 334 -13.09 11.49 8.40
C CYS A 334 -12.64 11.85 9.81
N ILE A 335 -13.44 12.62 10.53
CA ILE A 335 -13.11 12.93 11.91
C ILE A 335 -13.14 11.63 12.73
N MET A 336 -13.75 10.58 12.16
CA MET A 336 -13.78 9.28 12.81
C MET A 336 -13.14 8.18 11.98
N LEU A 337 -13.41 8.13 10.67
CA LEU A 337 -13.01 6.97 9.87
C LEU A 337 -11.65 7.16 9.23
N CYS A 338 -11.45 8.22 8.45
CA CYS A 338 -10.22 8.37 7.67
C CYS A 338 -9.10 9.03 8.46
N CYS A 339 -9.18 9.02 9.79
CA CYS A 339 -8.09 9.47 10.64
C CYS A 339 -7.66 8.36 11.59
N LEU A 340 -8.60 7.50 11.97
CA LEU A 340 -8.30 6.42 12.90
C LEU A 340 -7.44 5.34 12.25
N ASN A 341 -7.42 5.28 10.92
CA ASN A 341 -6.52 4.36 10.24
C ASN A 341 -5.07 4.67 10.57
N SER A 342 -4.72 5.96 10.60
CA SER A 342 -3.37 6.35 10.96
C SER A 342 -3.04 5.97 12.40
N GLY A 343 -4.02 6.07 13.30
CA GLY A 343 -3.78 5.63 14.66
C GLY A 343 -3.46 4.15 14.75
N THR A 344 -4.19 3.34 13.98
CA THR A 344 -3.90 1.91 13.94
C THR A 344 -2.52 1.64 13.37
N SER A 345 -2.14 2.36 12.32
CA SER A 345 -0.81 2.16 11.75
C SER A 345 0.27 2.52 12.77
N PHE A 346 0.09 3.63 13.48
CA PHE A 346 1.04 4.05 14.50
C PHE A 346 1.17 3.02 15.61
N VAL A 347 0.03 2.55 16.13
CA VAL A 347 0.05 1.58 17.23
C VAL A 347 0.69 0.27 16.78
N ALA A 348 0.34 -0.19 15.58
CA ALA A 348 0.91 -1.44 15.07
C ALA A 348 2.41 -1.31 14.86
N GLY A 349 2.86 -0.17 14.34
CA GLY A 349 4.29 0.04 14.19
C GLY A 349 5.02 0.08 15.51
N PHE A 350 4.33 0.56 16.55
CA PHE A 350 4.95 0.61 17.88
C PHE A 350 5.35 -0.78 18.36
N ALA A 351 4.60 -1.81 17.96
CA ALA A 351 4.88 -3.16 18.44
C ALA A 351 6.15 -3.73 17.82
N ILE A 352 6.38 -3.45 16.53
CA ILE A 352 7.50 -4.07 15.83
C ILE A 352 8.83 -3.54 16.36
N PHE A 353 8.93 -2.22 16.54
CA PHE A 353 10.21 -1.65 16.95
C PHE A 353 10.60 -2.04 18.37
N SER A 354 9.64 -2.46 19.18
CA SER A 354 9.99 -3.01 20.49
C SER A 354 10.80 -4.29 20.34
N VAL A 355 10.39 -5.15 19.40
CA VAL A 355 11.10 -6.42 19.18
C VAL A 355 12.48 -6.16 18.59
N LEU A 356 12.59 -5.21 17.67
CA LEU A 356 13.88 -4.89 17.07
C LEU A 356 14.88 -4.44 18.13
N GLY A 357 14.40 -3.83 19.21
CA GLY A 357 15.29 -3.48 20.30
C GLY A 357 15.84 -4.71 20.99
N PHE A 358 15.01 -5.73 21.17
CA PHE A 358 15.47 -6.94 21.85
C PHE A 358 16.54 -7.66 21.05
N MET A 359 16.38 -7.76 19.73
CA MET A 359 17.39 -8.42 18.92
C MET A 359 18.72 -7.68 18.98
N ALA A 360 18.66 -6.34 18.94
CA ALA A 360 19.88 -5.55 19.06
C ALA A 360 20.53 -5.75 20.41
N TYR A 361 19.74 -5.80 21.48
CA TYR A 361 20.29 -6.04 22.81
C TYR A 361 20.92 -7.43 22.91
N GLU A 362 20.28 -8.43 22.30
CA GLU A 362 20.80 -9.80 22.36
C GLU A 362 22.11 -9.93 21.59
N GLN A 363 22.16 -9.41 20.38
CA GLN A 363 23.34 -9.57 19.54
C GLN A 363 24.40 -8.50 19.77
N GLY A 364 24.07 -7.44 20.51
CA GLY A 364 25.01 -6.34 20.70
C GLY A 364 25.36 -5.64 19.41
N VAL A 365 24.35 -5.35 18.59
CA VAL A 365 24.54 -4.76 17.28
C VAL A 365 23.61 -3.54 17.17
N PRO A 366 24.01 -2.46 16.49
CA PRO A 366 23.14 -1.29 16.38
C PRO A 366 21.82 -1.63 15.70
N ILE A 367 20.77 -0.92 16.11
CA ILE A 367 19.42 -1.17 15.59
C ILE A 367 19.34 -0.85 14.11
N ALA A 368 20.25 -0.02 13.61
CA ALA A 368 20.21 0.37 12.20
C ALA A 368 20.45 -0.83 11.29
N GLU A 369 21.30 -1.77 11.71
CA GLU A 369 21.69 -2.90 10.88
C GLU A 369 21.27 -4.24 11.47
N VAL A 370 20.29 -4.25 12.37
CA VAL A 370 19.93 -5.50 13.03
C VAL A 370 19.08 -6.38 12.14
N ALA A 371 18.44 -5.79 11.12
CA ALA A 371 17.53 -6.56 10.28
C ALA A 371 17.63 -6.17 8.81
N GLU A 372 16.65 -6.59 8.02
CA GLU A 372 16.62 -6.30 6.59
C GLU A 372 15.75 -5.08 6.32
N SER A 373 16.26 -4.16 5.51
CA SER A 373 15.58 -2.91 5.21
C SER A 373 14.55 -3.04 4.10
N GLY A 374 14.45 -4.21 3.47
CA GLY A 374 13.53 -4.41 2.37
C GLY A 374 12.13 -4.78 2.83
N PRO A 375 11.23 -5.18 1.91
CA PRO A 375 9.86 -5.53 2.26
C PRO A 375 9.81 -6.64 3.32
N GLY A 376 10.75 -7.58 3.26
CA GLY A 376 10.70 -8.68 4.21
C GLY A 376 11.12 -8.29 5.61
N LEU A 377 10.32 -7.46 6.27
CA LEU A 377 10.58 -7.09 7.66
C LEU A 377 9.53 -7.58 8.63
N ALA A 378 8.25 -7.54 8.27
CA ALA A 378 7.21 -8.09 9.14
C ALA A 378 7.32 -9.60 9.27
N PHE A 379 8.12 -10.25 8.42
CA PHE A 379 8.38 -11.67 8.52
C PHE A 379 9.65 -11.99 9.30
N ILE A 380 10.33 -10.97 9.83
CA ILE A 380 11.50 -11.17 10.67
C ILE A 380 11.28 -10.71 12.11
N ALA A 381 10.45 -9.70 12.35
CA ALA A 381 10.20 -9.21 13.70
C ALA A 381 9.05 -9.97 14.38
N TYR A 382 7.95 -10.20 13.67
CA TYR A 382 6.82 -10.93 14.24
C TYR A 382 7.16 -12.37 14.60
N PRO A 383 7.85 -13.16 13.76
CA PRO A 383 8.23 -14.51 14.20
C PRO A 383 9.12 -14.55 15.43
N LYS A 384 9.99 -13.57 15.63
CA LYS A 384 10.79 -13.55 16.85
C LYS A 384 9.89 -13.40 18.09
N ALA A 385 8.93 -12.49 18.02
CA ALA A 385 8.01 -12.31 19.14
C ALA A 385 7.18 -13.58 19.36
N VAL A 386 6.75 -14.23 18.28
CA VAL A 386 5.92 -15.42 18.45
C VAL A 386 6.74 -16.57 19.00
N THR A 387 8.04 -16.63 18.71
CA THR A 387 8.87 -17.68 19.27
C THR A 387 9.41 -17.33 20.65
N MET A 388 9.21 -16.10 21.12
CA MET A 388 9.57 -15.74 22.49
C MET A 388 8.41 -15.94 23.47
N MET A 389 7.31 -16.54 23.03
CA MET A 389 6.12 -16.71 23.85
C MET A 389 5.89 -18.18 24.18
N PRO A 390 5.29 -18.47 25.34
CA PRO A 390 4.90 -19.86 25.63
C PRO A 390 3.79 -20.33 24.70
N LEU A 391 3.76 -21.63 24.46
CA LEU A 391 2.86 -22.24 23.47
C LEU A 391 3.07 -21.60 22.10
N SER A 392 4.31 -21.69 21.61
CA SER A 392 4.68 -20.96 20.39
C SER A 392 3.85 -21.36 19.17
N PRO A 393 3.64 -22.65 18.86
CA PRO A 393 2.86 -22.97 17.64
C PRO A 393 1.45 -22.41 17.63
N LEU A 394 0.78 -22.40 18.79
CA LEU A 394 -0.60 -21.92 18.86
C LEU A 394 -0.70 -20.45 18.46
N TRP A 395 0.23 -19.63 18.95
CA TRP A 395 0.27 -18.23 18.52
C TRP A 395 0.75 -18.11 17.08
N ALA A 396 1.62 -19.03 16.65
CA ALA A 396 2.19 -18.94 15.30
C ALA A 396 1.11 -19.13 14.23
N THR A 397 0.25 -20.14 14.39
CA THR A 397 -0.74 -20.42 13.36
C THR A 397 -1.75 -19.29 13.25
N LEU A 398 -2.05 -18.63 14.37
CA LEU A 398 -3.13 -17.65 14.39
C LEU A 398 -2.73 -16.36 13.67
N PHE A 399 -1.51 -15.88 13.90
CA PHE A 399 -1.12 -14.58 13.35
C PHE A 399 -1.08 -14.61 11.83
N PHE A 400 -0.55 -15.68 11.26
CA PHE A 400 -0.56 -15.82 9.81
C PHE A 400 -1.98 -15.93 9.28
N MET A 401 -2.88 -16.54 10.07
CA MET A 401 -4.29 -16.52 9.70
C MET A 401 -4.83 -15.10 9.67
N MET A 402 -4.38 -14.26 10.62
CA MET A 402 -4.79 -12.85 10.59
C MET A 402 -4.30 -12.16 9.32
N LEU A 403 -3.05 -12.41 8.93
CA LEU A 403 -2.55 -11.81 7.70
C LEU A 403 -3.33 -12.30 6.48
N ILE A 404 -3.65 -13.59 6.43
CA ILE A 404 -4.42 -14.13 5.31
C ILE A 404 -5.79 -13.48 5.23
N PHE A 405 -6.47 -13.34 6.37
CA PHE A 405 -7.78 -12.72 6.39
C PHE A 405 -7.71 -11.26 5.95
N LEU A 406 -6.69 -10.54 6.43
CA LEU A 406 -6.54 -9.14 6.04
C LEU A 406 -6.32 -9.00 4.53
N GLY A 407 -5.49 -9.87 3.95
CA GLY A 407 -5.27 -9.79 2.51
C GLY A 407 -6.50 -10.16 1.70
N LEU A 408 -7.23 -11.19 2.16
CA LEU A 408 -8.41 -11.64 1.43
C LEU A 408 -9.53 -10.62 1.48
N ASP A 409 -9.70 -9.94 2.62
CA ASP A 409 -10.75 -8.93 2.71
C ASP A 409 -10.44 -7.67 1.91
N SER A 410 -9.22 -7.52 1.42
CA SER A 410 -8.82 -6.31 0.70
C SER A 410 -8.64 -6.52 -0.78
N GLN A 411 -8.20 -7.70 -1.23
CA GLN A 411 -8.02 -7.89 -2.67
C GLN A 411 -9.30 -8.21 -3.43
N PHE A 412 -10.27 -8.89 -2.81
CA PHE A 412 -11.48 -9.25 -3.53
C PHE A 412 -12.27 -8.01 -3.91
N VAL A 413 -12.23 -6.97 -3.07
CA VAL A 413 -12.88 -5.72 -3.40
C VAL A 413 -12.29 -5.12 -4.68
N CYS A 414 -10.96 -5.08 -4.76
CA CYS A 414 -10.31 -4.52 -5.94
C CYS A 414 -10.62 -5.34 -7.18
N VAL A 415 -10.55 -6.66 -7.06
CA VAL A 415 -10.73 -7.51 -8.25
C VAL A 415 -12.18 -7.48 -8.71
N GLU A 416 -13.12 -7.23 -7.78
CA GLU A 416 -14.51 -7.07 -8.17
C GLU A 416 -14.74 -5.71 -8.82
N SER A 417 -14.14 -4.66 -8.27
CA SER A 417 -14.35 -3.32 -8.80
C SER A 417 -13.79 -3.19 -10.21
N LEU A 418 -12.60 -3.77 -10.44
CA LEU A 418 -12.00 -3.64 -11.77
C LEU A 418 -12.86 -4.34 -12.83
N VAL A 419 -13.35 -5.55 -12.53
CA VAL A 419 -14.17 -6.28 -13.47
C VAL A 419 -15.48 -5.54 -13.74
N THR A 420 -16.12 -5.05 -12.69
CA THR A 420 -17.33 -4.26 -12.84
C THR A 420 -17.10 -2.98 -13.64
N ALA A 421 -15.94 -2.35 -13.48
CA ALA A 421 -15.60 -1.13 -14.20
C ALA A 421 -15.52 -1.32 -15.70
N VAL A 422 -14.96 -2.45 -16.16
CA VAL A 422 -14.86 -2.68 -17.59
C VAL A 422 -16.22 -2.98 -18.20
N VAL A 423 -17.23 -3.26 -17.38
CA VAL A 423 -18.57 -3.51 -17.89
C VAL A 423 -19.30 -2.18 -17.98
N ASP A 424 -19.19 -1.51 -19.12
CA ASP A 424 -19.96 -0.32 -19.42
C ASP A 424 -20.55 -0.32 -20.81
N MET A 425 -20.14 -1.25 -21.67
CA MET A 425 -20.81 -1.50 -22.94
C MET A 425 -21.88 -2.56 -22.85
N TYR A 426 -21.68 -3.59 -22.00
CA TYR A 426 -22.61 -4.67 -21.77
C TYR A 426 -23.02 -5.33 -23.09
N PRO A 427 -22.08 -5.93 -23.83
CA PRO A 427 -22.45 -6.53 -25.11
C PRO A 427 -23.46 -7.66 -24.98
N LYS A 428 -23.38 -8.44 -23.91
CA LYS A 428 -24.26 -9.58 -23.71
C LYS A 428 -24.20 -10.02 -22.26
N VAL A 429 -25.37 -10.15 -21.64
CA VAL A 429 -25.56 -10.58 -20.25
C VAL A 429 -24.39 -10.19 -19.33
N TYR A 434 -22.60 -16.11 -20.17
CA TYR A 434 -21.86 -16.16 -18.90
C TYR A 434 -20.78 -15.09 -18.85
N ARG A 435 -21.12 -13.87 -19.26
CA ARG A 435 -20.15 -12.79 -19.22
C ARG A 435 -19.70 -12.49 -17.81
N ARG A 436 -20.62 -12.58 -16.84
CA ARG A 436 -20.26 -12.38 -15.44
C ARG A 436 -19.35 -13.49 -14.93
N GLU A 437 -19.36 -14.65 -15.58
CA GLU A 437 -18.54 -15.79 -15.17
C GLU A 437 -17.44 -16.10 -16.18
N LEU A 438 -17.15 -15.17 -17.09
CA LEU A 438 -16.07 -15.35 -18.05
C LEU A 438 -14.95 -14.35 -17.85
N LEU A 439 -15.26 -13.07 -17.69
CA LEU A 439 -14.22 -12.08 -17.44
C LEU A 439 -13.57 -12.29 -16.09
N ILE A 440 -14.34 -12.75 -15.10
CA ILE A 440 -13.78 -13.00 -13.78
C ILE A 440 -12.75 -14.11 -13.83
N LEU A 441 -12.95 -15.10 -14.71
CA LEU A 441 -11.96 -16.16 -14.86
C LEU A 441 -10.80 -15.70 -15.73
N ALA A 442 -11.09 -14.92 -16.77
CA ALA A 442 -10.04 -14.48 -17.68
C ALA A 442 -9.05 -13.57 -16.97
N LEU A 443 -9.55 -12.69 -16.10
CA LEU A 443 -8.66 -11.77 -15.39
C LEU A 443 -7.75 -12.52 -14.43
N SER A 444 -8.29 -13.55 -13.75
CA SER A 444 -7.51 -14.24 -12.73
C SER A 444 -6.31 -14.98 -13.33
N VAL A 445 -6.52 -15.65 -14.47
CA VAL A 445 -5.45 -16.45 -15.05
C VAL A 445 -4.31 -15.55 -15.53
N ILE A 446 -4.66 -14.41 -16.14
CA ILE A 446 -3.63 -13.47 -16.60
C ILE A 446 -2.83 -12.93 -15.42
N SER A 447 -3.51 -12.59 -14.33
CA SER A 447 -2.81 -12.10 -13.15
C SER A 447 -1.93 -13.17 -12.54
N TYR A 448 -2.39 -14.42 -12.53
CA TYR A 448 -1.60 -15.50 -11.94
C TYR A 448 -0.28 -15.69 -12.68
N PHE A 449 -0.33 -15.70 -14.02
CA PHE A 449 0.89 -15.93 -14.79
C PHE A 449 1.81 -14.71 -14.76
N LEU A 450 1.24 -13.51 -14.65
CA LEU A 450 2.04 -12.30 -14.53
C LEU A 450 2.46 -12.02 -13.10
N GLY A 451 1.90 -12.74 -12.13
CA GLY A 451 2.34 -12.64 -10.76
C GLY A 451 3.32 -13.74 -10.41
N LEU A 452 3.52 -14.66 -11.36
CA LEU A 452 4.44 -15.78 -11.18
C LEU A 452 5.88 -15.39 -11.41
N VAL A 453 6.15 -14.31 -12.13
CA VAL A 453 7.52 -13.96 -12.46
C VAL A 453 8.29 -13.51 -11.21
N MET A 454 7.61 -12.94 -10.22
CA MET A 454 8.26 -12.49 -8.99
C MET A 454 8.31 -13.58 -7.93
N LEU A 455 8.02 -14.83 -8.28
CA LEU A 455 8.12 -15.95 -7.35
C LEU A 455 9.34 -16.83 -7.64
N THR A 456 10.25 -16.35 -8.48
CA THR A 456 11.44 -17.10 -8.84
C THR A 456 12.59 -16.70 -7.91
N GLU A 457 13.81 -17.12 -8.23
CA GLU A 457 14.95 -16.83 -7.38
C GLU A 457 15.38 -15.35 -7.42
N GLY A 458 14.90 -14.59 -8.39
CA GLY A 458 15.19 -13.18 -8.43
C GLY A 458 13.91 -12.37 -8.27
N GLY A 459 12.98 -12.91 -7.49
CA GLY A 459 11.66 -12.30 -7.41
C GLY A 459 11.61 -11.08 -6.51
N MET A 460 12.47 -11.04 -5.48
CA MET A 460 12.42 -9.90 -4.56
C MET A 460 12.84 -8.62 -5.25
N TYR A 461 13.79 -8.69 -6.17
CA TYR A 461 14.25 -7.49 -6.86
C TYR A 461 13.15 -6.88 -7.72
N ILE A 462 12.41 -7.71 -8.45
CA ILE A 462 11.31 -7.20 -9.27
C ILE A 462 10.16 -6.75 -8.38
N PHE A 463 9.92 -7.45 -7.27
CA PHE A 463 8.91 -7.00 -6.32
C PHE A 463 9.21 -5.60 -5.80
N GLN A 464 10.49 -5.29 -5.60
CA GLN A 464 10.88 -3.97 -5.10
C GLN A 464 10.53 -2.88 -6.10
N LEU A 465 10.73 -3.15 -7.39
CA LEU A 465 10.35 -2.19 -8.42
C LEU A 465 8.85 -1.96 -8.44
N PHE A 466 8.06 -3.04 -8.28
CA PHE A 466 6.61 -2.89 -8.29
C PHE A 466 6.14 -2.02 -7.15
N ASP A 467 6.75 -2.18 -5.97
CA ASP A 467 6.33 -1.45 -4.79
C ASP A 467 6.72 0.03 -4.84
N SER A 468 7.76 0.40 -5.59
CA SER A 468 8.27 1.76 -5.58
C SER A 468 7.84 2.58 -6.79
N TYR A 469 7.41 1.96 -7.87
CA TYR A 469 7.09 2.72 -9.08
C TYR A 469 5.64 2.56 -9.51
N ALA A 470 5.09 1.36 -9.39
CA ALA A 470 3.70 1.14 -9.71
C ALA A 470 2.85 1.13 -8.45
N ALA A 471 1.63 1.66 -8.57
CA ALA A 471 0.68 1.74 -7.46
C ALA A 471 1.24 2.56 -6.30
N SER A 472 2.29 3.35 -6.57
CA SER A 472 2.88 4.24 -5.58
C SER A 472 3.83 5.20 -6.26
N GLY A 473 4.62 5.92 -5.47
CA GLY A 473 5.59 6.84 -6.04
C GLY A 473 4.93 8.00 -6.76
N MET A 474 5.41 8.28 -7.97
CA MET A 474 4.95 9.47 -8.69
C MET A 474 3.56 9.29 -9.27
N CYS A 475 3.09 8.04 -9.40
CA CYS A 475 1.78 7.80 -10.00
C CYS A 475 0.67 8.40 -9.15
N LEU A 476 0.75 8.24 -7.82
CA LEU A 476 -0.28 8.78 -6.95
C LEU A 476 -0.14 10.30 -6.79
N LEU A 477 1.09 10.81 -6.78
CA LEU A 477 1.29 12.25 -6.68
C LEU A 477 0.74 12.97 -7.90
N PHE A 478 0.95 12.42 -9.08
CA PHE A 478 0.53 13.09 -10.31
C PHE A 478 -0.98 13.13 -10.42
N VAL A 479 -1.65 12.02 -10.10
CA VAL A 479 -3.10 11.95 -10.24
C VAL A 479 -3.79 12.83 -9.20
N ALA A 480 -3.23 12.88 -7.99
CA ALA A 480 -3.84 13.70 -6.93
C ALA A 480 -3.83 15.17 -7.30
N ILE A 481 -2.81 15.62 -8.04
CA ILE A 481 -2.75 17.01 -8.48
C ILE A 481 -3.90 17.32 -9.43
N PHE A 482 -4.12 16.45 -10.42
CA PHE A 482 -5.12 16.73 -11.44
C PHE A 482 -6.53 16.58 -10.88
N GLU A 483 -6.71 15.78 -9.84
CA GLU A 483 -8.02 15.64 -9.23
C GLU A 483 -8.46 16.92 -8.54
N CYS A 484 -7.55 17.53 -7.76
CA CYS A 484 -7.90 18.74 -7.02
C CYS A 484 -8.03 19.95 -7.93
N ILE A 485 -7.27 19.96 -9.03
CA ILE A 485 -7.32 21.11 -9.94
C ILE A 485 -8.67 21.20 -10.63
N CYS A 486 -9.17 20.06 -11.14
CA CYS A 486 -10.43 20.08 -11.87
C CYS A 486 -11.59 20.51 -10.99
N ILE A 487 -11.75 19.87 -9.84
CA ILE A 487 -12.86 20.22 -8.95
C ILE A 487 -12.62 21.58 -8.32
N GLY A 488 -11.38 21.85 -7.92
CA GLY A 488 -11.10 23.10 -7.24
C GLY A 488 -11.25 24.32 -8.13
N TRP A 489 -10.78 24.24 -9.37
CA TRP A 489 -10.73 25.41 -10.25
C TRP A 489 -11.74 25.32 -11.38
N VAL A 490 -11.74 24.23 -12.15
CA VAL A 490 -12.56 24.15 -13.35
C VAL A 490 -14.04 24.08 -12.97
N TYR A 491 -14.43 23.02 -12.25
CA TYR A 491 -15.83 22.88 -11.85
C TYR A 491 -16.26 24.01 -10.94
N GLY A 492 -15.41 24.38 -9.99
CA GLY A 492 -15.74 25.44 -9.07
C GLY A 492 -15.95 24.92 -7.65
N SER A 493 -15.08 25.33 -6.73
CA SER A 493 -15.19 24.88 -5.35
C SER A 493 -16.47 25.38 -4.71
N ASN A 494 -16.83 26.64 -4.98
CA ASN A 494 -18.02 27.22 -4.35
C ASN A 494 -19.29 26.49 -4.78
N ARG A 495 -19.37 26.11 -6.06
CA ARG A 495 -20.53 25.36 -6.53
C ARG A 495 -20.60 23.99 -5.87
N PHE A 496 -19.46 23.32 -5.73
CA PHE A 496 -19.43 22.03 -5.05
C PHE A 496 -19.79 22.16 -3.58
N TYR A 497 -19.34 23.24 -2.94
CA TYR A 497 -19.68 23.46 -1.54
C TYR A 497 -21.18 23.64 -1.35
N ASP A 498 -21.83 24.33 -2.29
CA ASP A 498 -23.28 24.49 -2.22
C ASP A 498 -23.99 23.15 -2.32
N ASN A 499 -23.51 22.28 -3.22
CA ASN A 499 -24.12 20.96 -3.35
C ASN A 499 -23.90 20.12 -2.09
N ILE A 500 -22.71 20.22 -1.49
CA ILE A 500 -22.46 19.49 -0.25
C ILE A 500 -23.37 19.98 0.87
N GLU A 501 -23.55 21.30 0.96
CA GLU A 501 -24.44 21.86 1.98
C GLU A 501 -25.88 21.41 1.73
N ASP A 502 -26.29 21.34 0.47
CA ASP A 502 -27.61 20.82 0.14
C ASP A 502 -27.75 19.38 0.59
N MET A 503 -26.72 18.56 0.36
CA MET A 503 -26.80 17.14 0.68
C MET A 503 -26.81 16.90 2.19
N ILE A 504 -25.93 17.54 2.94
CA ILE A 504 -25.75 17.22 4.35
C ILE A 504 -26.39 18.22 5.29
N GLY A 505 -26.78 19.40 4.81
CA GLY A 505 -27.50 20.37 5.61
C GLY A 505 -26.68 21.56 6.08
N TYR A 506 -25.35 21.48 6.01
CA TYR A 506 -24.52 22.60 6.44
C TYR A 506 -23.24 22.62 5.61
N ARG A 507 -22.60 23.79 5.60
CA ARG A 507 -21.37 23.98 4.84
C ARG A 507 -20.15 23.62 5.69
N PRO A 508 -19.23 22.82 5.16
CA PRO A 508 -18.03 22.46 5.92
C PRO A 508 -17.12 23.66 6.11
N PRO A 509 -16.15 23.56 7.03
CA PRO A 509 -15.26 24.70 7.27
C PRO A 509 -14.51 25.11 6.02
N SER A 510 -14.23 26.41 5.91
CA SER A 510 -13.62 26.95 4.70
C SER A 510 -12.19 26.48 4.49
N LEU A 511 -11.60 25.82 5.50
CA LEU A 511 -10.18 25.41 5.38
C LEU A 511 -10.04 24.38 4.26
N ILE A 512 -11.01 23.48 4.11
CA ILE A 512 -10.93 22.41 3.11
C ILE A 512 -10.85 22.98 1.70
N LYS A 513 -11.63 24.03 1.43
CA LYS A 513 -11.61 24.64 0.10
C LYS A 513 -10.23 25.21 -0.22
N TRP A 514 -9.61 25.88 0.75
CA TRP A 514 -8.26 26.39 0.53
C TRP A 514 -7.27 25.25 0.33
N CYS A 515 -7.43 24.16 1.09
CA CYS A 515 -6.63 22.97 0.84
C CYS A 515 -6.72 22.57 -0.62
N TRP A 516 -7.93 22.26 -1.09
CA TRP A 516 -8.16 21.84 -2.48
C TRP A 516 -7.57 22.81 -3.49
N MET A 517 -7.75 24.11 -3.29
CA MET A 517 -7.29 25.09 -4.26
C MET A 517 -5.78 25.24 -4.31
N ILE A 518 -5.10 25.36 -3.17
CA ILE A 518 -3.70 25.75 -3.17
C ILE A 518 -2.80 24.71 -2.53
N MET A 519 -3.23 24.13 -1.41
CA MET A 519 -2.31 23.40 -0.55
C MET A 519 -1.88 22.07 -1.19
N THR A 520 -2.85 21.19 -1.45
CA THR A 520 -2.53 19.85 -1.93
C THR A 520 -1.81 19.87 -3.28
N PRO A 521 -2.33 20.56 -4.33
CA PRO A 521 -1.65 20.65 -5.62
C PRO A 521 -0.24 21.26 -5.49
N GLY A 522 -0.08 22.26 -4.63
CA GLY A 522 1.21 22.91 -4.46
C GLY A 522 2.23 22.00 -3.80
N ILE A 523 1.83 21.33 -2.72
CA ILE A 523 2.76 20.47 -1.99
C ILE A 523 3.14 19.26 -2.85
N CYS A 524 2.15 18.66 -3.52
CA CYS A 524 2.46 17.51 -4.38
C CYS A 524 3.40 17.90 -5.51
N ALA A 525 3.16 19.05 -6.15
CA ALA A 525 4.04 19.50 -7.22
C ALA A 525 5.44 19.81 -6.69
N GLY A 526 5.52 20.42 -5.51
CA GLY A 526 6.82 20.71 -4.93
C GLY A 526 7.62 19.46 -4.63
N ILE A 527 6.95 18.45 -4.07
CA ILE A 527 7.64 17.18 -3.80
C ILE A 527 8.05 16.50 -5.10
N PHE A 528 7.19 16.56 -6.12
CA PHE A 528 7.55 16.02 -7.44
C PHE A 528 8.81 16.67 -7.98
N ILE A 529 8.85 18.00 -7.98
CA ILE A 529 9.99 18.71 -8.55
C ILE A 529 11.24 18.47 -7.71
N PHE A 530 11.08 18.42 -6.38
CA PHE A 530 12.21 18.17 -5.50
C PHE A 530 12.81 16.79 -5.75
N PHE A 531 11.95 15.77 -5.91
CA PHE A 531 12.44 14.44 -6.22
C PHE A 531 13.10 14.39 -7.58
N LEU A 532 12.53 15.10 -8.56
CA LEU A 532 13.09 15.07 -9.92
C LEU A 532 14.46 15.74 -9.96
N ILE A 533 14.64 16.84 -9.24
CA ILE A 533 15.91 17.57 -9.27
C ILE A 533 17.01 16.75 -8.62
N LYS A 534 16.75 16.24 -7.41
CA LYS A 534 17.74 15.46 -6.68
C LYS A 534 17.47 13.97 -6.88
N TYR A 535 17.75 13.51 -8.10
CA TYR A 535 17.47 12.13 -8.47
C TYR A 535 18.65 11.26 -8.06
N LYS A 536 18.42 10.37 -7.10
CA LYS A 536 19.41 9.41 -6.64
C LYS A 536 18.93 7.99 -6.94
N PRO A 537 19.83 7.09 -7.31
CA PRO A 537 19.40 5.72 -7.67
C PRO A 537 18.75 5.01 -6.50
N LEU A 538 17.72 4.23 -6.79
CA LEU A 538 17.07 3.41 -5.76
C LEU A 538 17.88 2.15 -5.52
N LYS A 539 18.12 1.83 -4.26
CA LYS A 539 18.92 0.67 -3.88
C LYS A 539 18.07 -0.30 -3.06
N TYR A 540 18.21 -1.59 -3.34
CA TYR A 540 17.54 -2.60 -2.55
C TYR A 540 18.35 -2.93 -1.32
N ASN A 541 17.74 -2.81 -0.15
CA ASN A 541 18.37 -3.13 1.14
C ASN A 541 19.60 -2.27 1.38
N ASN A 542 19.69 -1.12 0.70
CA ASN A 542 20.84 -0.22 0.79
C ASN A 542 22.15 -0.95 0.51
N ILE A 543 22.08 -2.03 -0.26
CA ILE A 543 23.26 -2.80 -0.63
C ILE A 543 23.33 -2.89 -2.14
N TYR A 544 22.24 -3.34 -2.76
CA TYR A 544 22.24 -3.65 -4.19
C TYR A 544 21.83 -2.42 -4.99
N THR A 545 22.61 -2.09 -6.02
CA THR A 545 22.30 -0.99 -6.91
C THR A 545 21.81 -1.56 -8.25
N TYR A 546 20.63 -1.12 -8.68
CA TYR A 546 20.00 -1.69 -9.86
C TYR A 546 20.75 -1.29 -11.13
N PRO A 547 20.65 -2.10 -12.18
CA PRO A 547 21.21 -1.71 -13.48
C PRO A 547 20.31 -0.69 -14.17
N ALA A 548 20.77 -0.21 -15.32
CA ALA A 548 20.06 0.84 -16.03
C ALA A 548 18.68 0.38 -16.50
N TRP A 549 18.60 -0.83 -17.04
CA TRP A 549 17.33 -1.29 -17.59
C TRP A 549 16.31 -1.54 -16.48
N GLY A 550 16.77 -1.79 -15.25
CA GLY A 550 15.83 -1.91 -14.15
C GLY A 550 15.11 -0.60 -13.87
N TYR A 551 15.87 0.49 -13.80
CA TYR A 551 15.24 1.80 -13.63
C TYR A 551 14.39 2.14 -14.85
N GLY A 552 14.80 1.70 -16.04
CA GLY A 552 13.97 1.89 -17.22
C GLY A 552 12.63 1.17 -17.11
N ILE A 553 12.65 -0.07 -16.60
CA ILE A 553 11.40 -0.82 -16.41
C ILE A 553 10.52 -0.11 -15.40
N GLY A 554 11.11 0.37 -14.31
CA GLY A 554 10.33 1.11 -13.34
C GLY A 554 9.68 2.34 -13.93
N TRP A 555 10.45 3.08 -14.73
CA TRP A 555 9.93 4.31 -15.33
C TRP A 555 8.79 4.01 -16.31
N LEU A 556 8.94 2.94 -17.11
CA LEU A 556 7.85 2.56 -18.00
C LEU A 556 6.61 2.16 -17.22
N MET A 557 6.78 1.43 -16.11
CA MET A 557 5.62 1.06 -15.30
C MET A 557 4.91 2.28 -14.75
N ALA A 558 5.68 3.28 -14.29
CA ALA A 558 5.05 4.51 -13.81
C ALA A 558 4.34 5.26 -14.94
N LEU A 559 4.99 5.35 -16.11
CA LEU A 559 4.42 6.10 -17.22
C LEU A 559 3.14 5.46 -17.75
N SER A 560 3.05 4.13 -17.70
CA SER A 560 1.88 3.44 -18.24
C SER A 560 0.59 3.93 -17.59
N SER A 561 0.67 4.37 -16.33
CA SER A 561 -0.46 4.96 -15.65
C SER A 561 -0.43 6.49 -15.62
N MET A 562 0.75 7.08 -15.72
CA MET A 562 0.87 8.53 -15.66
C MET A 562 0.51 9.21 -16.97
N LEU A 563 0.43 8.47 -18.08
CA LEU A 563 0.22 9.08 -19.38
C LEU A 563 -1.21 8.93 -19.92
N CYS A 564 -2.16 8.53 -19.09
CA CYS A 564 -3.53 8.34 -19.58
C CYS A 564 -4.26 9.67 -19.72
N ILE A 565 -3.91 10.67 -18.92
CA ILE A 565 -4.65 11.92 -18.89
C ILE A 565 -4.31 12.81 -20.10
N PRO A 566 -3.06 13.20 -20.33
CA PRO A 566 -2.78 14.06 -21.50
C PRO A 566 -3.16 13.41 -22.81
N LEU A 567 -3.02 12.09 -22.91
CA LEU A 567 -3.41 11.38 -24.12
C LEU A 567 -4.90 11.55 -24.38
N TRP A 568 -5.71 11.40 -23.33
CA TRP A 568 -7.15 11.58 -23.51
C TRP A 568 -7.47 13.03 -23.86
N ILE A 569 -6.75 13.98 -23.27
CA ILE A 569 -6.99 15.39 -23.62
C ILE A 569 -6.74 15.63 -25.10
N CYS A 570 -5.62 15.12 -25.61
CA CYS A 570 -5.30 15.28 -27.03
C CYS A 570 -6.33 14.59 -27.90
N ILE A 571 -6.75 13.38 -27.52
CA ILE A 571 -7.72 12.65 -28.33
C ILE A 571 -9.05 13.40 -28.37
N THR A 572 -9.51 13.88 -27.22
CA THR A 572 -10.79 14.59 -27.17
C THR A 572 -10.72 15.89 -27.94
N VAL A 573 -9.58 16.58 -27.90
CA VAL A 573 -9.45 17.82 -28.66
C VAL A 573 -9.47 17.53 -30.16
N TRP A 574 -8.70 16.53 -30.60
CA TRP A 574 -8.60 16.26 -32.03
C TRP A 574 -9.92 15.76 -32.59
N LYS A 575 -10.60 14.88 -31.87
CA LYS A 575 -11.87 14.34 -32.32
C LYS A 575 -13.01 15.22 -31.80
N THR A 576 -14.25 14.81 -32.09
CA THR A 576 -15.47 15.55 -31.72
C THR A 576 -15.31 16.99 -32.20
N GLU A 577 -15.48 17.99 -31.34
CA GLU A 577 -15.25 19.37 -31.76
C GLU A 577 -13.76 19.69 -31.67
N GLY A 578 -13.18 20.04 -32.81
CA GLY A 578 -11.75 20.24 -32.89
C GLY A 578 -11.22 21.47 -32.19
N THR A 579 -11.55 22.65 -32.71
CA THR A 579 -10.96 23.89 -32.23
C THR A 579 -12.02 24.91 -31.83
N LEU A 580 -11.59 26.17 -31.60
CA LEU A 580 -12.41 27.30 -31.22
C LEU A 580 -12.90 27.15 -29.78
N PRO A 581 -13.27 28.24 -29.11
CA PRO A 581 -13.76 28.12 -27.72
C PRO A 581 -15.01 27.28 -27.59
N GLU A 582 -15.68 26.94 -28.69
CA GLU A 582 -16.88 26.10 -28.61
C GLU A 582 -16.57 24.75 -27.98
N LYS A 583 -15.46 24.13 -28.40
CA LYS A 583 -15.04 22.90 -27.75
C LYS A 583 -14.57 23.16 -26.32
N LEU A 584 -13.96 24.32 -26.09
CA LEU A 584 -13.56 24.68 -24.73
C LEU A 584 -14.77 24.81 -23.81
N GLN A 585 -15.84 25.42 -24.31
CA GLN A 585 -17.07 25.53 -23.53
C GLN A 585 -17.67 24.14 -23.28
N LYS A 586 -17.68 23.31 -24.31
CA LYS A 586 -18.25 21.96 -24.16
C LYS A 586 -17.43 21.12 -23.18
N LEU A 587 -16.10 21.24 -23.25
CA LEU A 587 -15.20 20.45 -22.41
C LEU A 587 -15.07 21.01 -21.00
N THR A 588 -15.96 21.90 -20.58
CA THR A 588 -15.97 22.39 -19.20
C THR A 588 -17.33 22.33 -18.53
N THR A 589 -18.43 22.39 -19.26
CA THR A 589 -19.75 22.36 -18.64
C THR A 589 -20.07 20.94 -18.17
N PRO A 590 -20.57 20.79 -16.94
CA PRO A 590 -20.92 19.46 -16.45
C PRO A 590 -22.21 18.94 -17.07
N SER A 591 -22.37 17.62 -17.02
CA SER A 591 -23.54 16.99 -17.59
C SER A 591 -24.79 17.33 -16.80
N THR A 592 -25.91 17.45 -17.51
CA THR A 592 -27.19 17.76 -16.88
C THR A 592 -28.15 16.58 -17.01
N ABU B . -5.18 -0.99 -1.22
CD ABU B . -5.04 -1.26 0.23
CB ABU B . -6.18 -0.65 1.01
CG ABU B . -6.02 -0.88 2.51
C ABU B . -7.11 -0.26 3.36
O ABU B . -6.77 0.21 4.47
OXT ABU B . -8.27 -0.23 2.91
CL CL C . -1.03 4.51 7.21
#